data_8D0G
#
_entry.id   8D0G
#
_cell.length_a   86.953
_cell.length_b   117.429
_cell.length_c   33.271
_cell.angle_alpha   90.000
_cell.angle_beta   90.000
_cell.angle_gamma   90.000
#
_symmetry.space_group_name_H-M   'P 21 21 2'
#
loop_
_entity.id
_entity.type
_entity.pdbx_description
1 polymer 'NAD(+) hydrolase SARM1'
2 non-polymer '[[(2~{R},3~{R},4~{R},5~{R})-5-(6-aminopurin-9-yl)-3-oxidanyl-4-phosphonooxy-oxolan-2-yl]methoxy-oxidanyl-phosphoryl] [(2~{R},3~{S},4~{R},5~{R})-5-[4-[(1~{S})-1-[methyl-[2,2,2-tris(fluoranyl)ethylcarbamoyl]amino]ethyl]pyridin-1-yl]-3,4-bis(oxidanyl)oxolan-2-yl]methyl hydrogen phosphate'
3 water water
#
_entity_poly.entity_id   1
_entity_poly.type   'polypeptide(L)'
_entity_poly.pdbx_seq_one_letter_code
;SGDTPDVFISYRRNSGSQLASLLKVHLQLHGFSVFIDVEKLEAGKFEDKLIQSVMGARNFVLVLSPGALDKCMQDHDCKD
WVHKEIVTALSCGKNIVPIIDGFEWPEPQVLPEDMQAVLTFNGIKWSHEYQEATIEKIIRFLQ
;
_entity_poly.pdbx_strand_id   A,B
#
# COMPACT_ATOMS: atom_id res chain seq x y z
N THR A 4 22.07 0.81 13.85
CA THR A 4 21.02 -0.13 14.27
C THR A 4 19.64 0.56 14.25
N PRO A 5 18.67 -0.09 13.62
CA PRO A 5 17.36 0.55 13.40
C PRO A 5 16.50 0.59 14.65
N ASP A 6 15.70 1.65 14.75
CA ASP A 6 14.72 1.81 15.82
C ASP A 6 13.49 0.92 15.64
N VAL A 7 13.13 0.59 14.40
CA VAL A 7 11.86 -0.06 14.10
C VAL A 7 12.10 -1.20 13.13
N PHE A 8 11.56 -2.38 13.42
CA PHE A 8 11.47 -3.50 12.49
C PHE A 8 10.03 -3.65 12.01
N ILE A 9 9.83 -3.70 10.70
CA ILE A 9 8.49 -3.86 10.10
C ILE A 9 8.32 -5.30 9.64
N SER A 10 7.37 -6.01 10.27
CA SER A 10 7.00 -7.38 9.93
C SER A 10 5.71 -7.39 9.12
N TYR A 11 5.69 -8.12 8.01
CA TYR A 11 4.53 -8.02 7.11
C TYR A 11 4.46 -9.25 6.22
N ARG A 12 3.31 -9.43 5.58
CA ARG A 12 3.09 -10.48 4.60
C ARG A 12 3.22 -9.88 3.19
N ARG A 13 4.14 -10.43 2.39
CA ARG A 13 4.33 -9.92 1.03
C ARG A 13 3.05 -9.89 0.23
N ASN A 14 2.25 -10.96 0.31
CA ASN A 14 1.10 -11.10 -0.57
C ASN A 14 -0.11 -10.27 -0.15
N SER A 15 -0.06 -9.60 1.00
CA SER A 15 -1.19 -8.77 1.40
C SER A 15 -0.80 -7.46 2.07
N GLY A 16 0.42 -7.32 2.57
CA GLY A 16 0.79 -6.12 3.31
C GLY A 16 1.97 -5.35 2.74
N SER A 17 2.39 -5.70 1.52
CA SER A 17 3.59 -5.09 0.93
C SER A 17 3.45 -3.58 0.83
N GLN A 18 2.30 -3.11 0.33
CA GLN A 18 2.16 -1.67 0.07
C GLN A 18 2.01 -0.88 1.37
N LEU A 19 1.24 -1.41 2.31
CA LEU A 19 1.10 -0.73 3.60
C LEU A 19 2.42 -0.71 4.35
N ALA A 20 3.19 -1.83 4.31
CA ALA A 20 4.48 -1.83 5.00
C ALA A 20 5.38 -0.76 4.44
N SER A 21 5.40 -0.59 3.11
CA SER A 21 6.25 0.40 2.48
C SER A 21 5.78 1.81 2.81
N LEU A 22 4.47 2.00 2.92
CA LEU A 22 3.93 3.30 3.30
C LEU A 22 4.32 3.67 4.72
N LEU A 23 4.24 2.70 5.65
CA LEU A 23 4.67 2.94 7.01
C LEU A 23 6.14 3.31 7.07
N LYS A 24 6.96 2.63 6.27
CA LYS A 24 8.39 2.91 6.23
C LYS A 24 8.65 4.37 5.85
N VAL A 25 8.01 4.83 4.77
CA VAL A 25 8.24 6.19 4.29
C VAL A 25 7.84 7.21 5.37
N HIS A 26 6.65 7.04 5.94
CA HIS A 26 6.18 7.94 7.00
C HIS A 26 7.09 7.94 8.22
N LEU A 27 7.49 6.76 8.68
CA LEU A 27 8.34 6.70 9.87
C LEU A 27 9.70 7.31 9.60
N GLN A 28 10.28 7.07 8.41
CA GLN A 28 11.56 7.71 8.10
C GLN A 28 11.43 9.23 8.05
N LEU A 29 10.29 9.74 7.56
CA LEU A 29 10.09 11.18 7.50
C LEU A 29 10.03 11.82 8.88
N HIS A 30 9.70 11.05 9.91
CA HIS A 30 9.65 11.58 11.26
C HIS A 30 10.91 11.27 12.06
N GLY A 31 11.97 10.84 11.40
CA GLY A 31 13.26 10.69 12.05
C GLY A 31 13.59 9.31 12.59
N PHE A 32 12.82 8.28 12.23
CA PHE A 32 13.11 6.95 12.72
C PHE A 32 13.94 6.19 11.68
N SER A 33 14.85 5.36 12.18
CA SER A 33 15.56 4.41 11.35
C SER A 33 14.72 3.14 11.26
N VAL A 34 14.44 2.67 10.05
CA VAL A 34 13.50 1.59 9.83
C VAL A 34 14.17 0.44 9.11
N PHE A 35 13.92 -0.78 9.57
CA PHE A 35 14.27 -2.00 8.85
C PHE A 35 13.03 -2.56 8.15
N ILE A 36 13.09 -2.68 6.81
CA ILE A 36 12.20 -3.55 6.06
C ILE A 36 13.07 -4.36 5.12
N ASP A 37 12.69 -5.61 4.87
CA ASP A 37 13.61 -6.56 4.24
C ASP A 37 14.10 -6.07 2.87
N VAL A 38 13.21 -5.49 2.04
CA VAL A 38 13.63 -5.18 0.67
C VAL A 38 14.59 -4.00 0.59
N GLU A 39 14.74 -3.23 1.67
CA GLU A 39 15.71 -2.13 1.66
C GLU A 39 16.95 -2.38 2.51
N LYS A 40 16.89 -3.26 3.52
CA LYS A 40 17.96 -3.37 4.49
C LYS A 40 18.47 -4.77 4.76
N LEU A 41 17.85 -5.82 4.23
CA LEU A 41 18.39 -7.16 4.37
C LEU A 41 19.44 -7.33 3.26
N GLU A 42 20.71 -7.47 3.64
CA GLU A 42 21.78 -7.54 2.66
C GLU A 42 22.40 -8.94 2.64
N ALA A 43 23.70 -9.02 2.36
CA ALA A 43 24.31 -10.30 2.00
C ALA A 43 24.50 -11.19 3.22
N GLY A 44 24.44 -12.49 2.99
CA GLY A 44 24.70 -13.50 4.00
C GLY A 44 23.53 -14.42 4.16
N LYS A 45 23.61 -15.29 5.17
CA LYS A 45 22.52 -16.20 5.46
C LYS A 45 21.38 -15.42 6.10
N PHE A 46 20.21 -15.38 5.43
CA PHE A 46 19.18 -14.44 5.86
C PHE A 46 18.53 -14.85 7.17
N GLU A 47 18.58 -16.14 7.53
CA GLU A 47 17.96 -16.60 8.77
C GLU A 47 18.62 -15.95 9.99
N ASP A 48 19.96 -15.92 10.01
CA ASP A 48 20.65 -15.21 11.08
C ASP A 48 20.41 -13.71 11.01
N LYS A 49 20.51 -13.13 9.81
CA LYS A 49 20.46 -11.67 9.70
C LYS A 49 19.07 -11.13 10.02
N LEU A 50 18.01 -11.87 9.65
CA LEU A 50 16.66 -11.44 9.97
C LEU A 50 16.40 -11.46 11.47
N ILE A 51 16.71 -12.58 12.12
CA ILE A 51 16.50 -12.70 13.57
C ILE A 51 17.33 -11.65 14.32
N GLN A 52 18.55 -11.40 13.86
CA GLN A 52 19.39 -10.41 14.52
C GLN A 52 18.82 -9.01 14.36
N SER A 53 18.15 -8.73 13.23
CA SER A 53 17.60 -7.39 13.02
C SER A 53 16.35 -7.15 13.87
N VAL A 54 15.56 -8.19 14.13
CA VAL A 54 14.48 -8.06 15.10
C VAL A 54 15.05 -7.76 16.48
N MET A 55 16.08 -8.50 16.89
CA MET A 55 16.67 -8.32 18.22
C MET A 55 17.20 -6.91 18.42
N GLY A 56 17.75 -6.30 17.37
CA GLY A 56 18.40 -5.01 17.51
C GLY A 56 17.46 -3.81 17.51
N ALA A 57 16.22 -3.97 17.06
CA ALA A 57 15.28 -2.86 17.00
C ALA A 57 14.42 -2.80 18.25
N ARG A 58 14.27 -1.59 18.81
CA ARG A 58 13.46 -1.43 20.02
C ARG A 58 11.97 -1.66 19.75
N ASN A 59 11.50 -1.25 18.56
CA ASN A 59 10.07 -1.34 18.23
C ASN A 59 9.84 -2.41 17.18
N PHE A 60 8.73 -3.14 17.32
CA PHE A 60 8.35 -4.20 16.39
C PHE A 60 6.95 -3.88 15.84
N VAL A 61 6.89 -3.36 14.62
CA VAL A 61 5.63 -2.94 13.99
C VAL A 61 5.15 -4.09 13.10
N LEU A 62 3.96 -4.61 13.41
CA LEU A 62 3.42 -5.81 12.79
C LEU A 62 2.23 -5.45 11.90
N VAL A 63 2.34 -5.71 10.60
CA VAL A 63 1.27 -5.34 9.66
C VAL A 63 0.28 -6.48 9.58
N LEU A 64 -0.87 -6.32 10.25
CA LEU A 64 -1.94 -7.33 10.23
C LEU A 64 -2.95 -6.98 9.14
N SER A 65 -2.59 -7.35 7.91
CA SER A 65 -3.50 -7.32 6.77
C SER A 65 -4.41 -8.54 6.83
N PRO A 66 -5.41 -8.65 5.94
CA PRO A 66 -6.34 -9.78 6.04
C PRO A 66 -5.64 -11.11 5.81
N GLY A 67 -5.83 -12.05 6.74
CA GLY A 67 -5.23 -13.37 6.61
C GLY A 67 -3.75 -13.45 6.93
N ALA A 68 -3.16 -12.41 7.52
CA ALA A 68 -1.71 -12.32 7.65
C ALA A 68 -1.11 -13.37 8.58
N LEU A 69 -1.90 -13.91 9.50
CA LEU A 69 -1.42 -14.94 10.42
C LEU A 69 -1.81 -16.34 9.97
N ASP A 70 -2.42 -16.47 8.78
CA ASP A 70 -2.91 -17.78 8.34
C ASP A 70 -1.78 -18.78 8.16
N LYS A 71 -0.67 -18.37 7.53
CA LYS A 71 0.44 -19.31 7.35
C LYS A 71 1.13 -19.70 8.65
N CYS A 72 0.88 -18.98 9.75
CA CYS A 72 1.44 -19.35 11.05
C CYS A 72 0.71 -20.51 11.69
N MET A 73 -0.55 -20.73 11.32
CA MET A 73 -1.38 -21.73 11.99
C MET A 73 -0.85 -23.13 11.71
N GLN A 74 -0.69 -23.91 12.78
CA GLN A 74 -0.14 -25.26 12.72
C GLN A 74 1.33 -25.29 12.25
N ASP A 75 2.01 -24.14 12.26
CA ASP A 75 3.44 -24.07 11.94
C ASP A 75 4.27 -24.29 13.21
N HIS A 76 4.06 -25.47 13.82
CA HIS A 76 4.75 -25.75 15.08
C HIS A 76 6.25 -25.98 14.89
N ASP A 77 6.70 -26.26 13.67
CA ASP A 77 8.12 -26.34 13.34
C ASP A 77 8.78 -24.97 13.20
N CYS A 78 7.99 -23.90 13.21
CA CYS A 78 8.47 -22.51 13.16
C CYS A 78 9.28 -22.26 11.88
N LYS A 79 8.71 -22.66 10.74
CA LYS A 79 9.34 -22.40 9.45
C LYS A 79 8.74 -21.20 8.72
N ASP A 80 7.56 -20.72 9.13
CA ASP A 80 7.00 -19.50 8.58
C ASP A 80 7.75 -18.29 9.13
N TRP A 81 8.01 -17.30 8.27
CA TRP A 81 8.88 -16.20 8.69
C TRP A 81 8.19 -15.17 9.56
N VAL A 82 6.91 -14.90 9.33
CA VAL A 82 6.20 -14.00 10.23
C VAL A 82 6.12 -14.63 11.61
N HIS A 83 5.88 -15.94 11.66
CA HIS A 83 5.91 -16.66 12.93
C HIS A 83 7.25 -16.48 13.63
N LYS A 84 8.35 -16.68 12.90
CA LYS A 84 9.68 -16.57 13.51
C LYS A 84 9.94 -15.16 14.02
N GLU A 85 9.55 -14.13 13.24
CA GLU A 85 9.78 -12.75 13.67
C GLU A 85 8.97 -12.41 14.92
N ILE A 86 7.70 -12.83 14.96
CA ILE A 86 6.87 -12.56 16.13
C ILE A 86 7.46 -13.23 17.37
N VAL A 87 7.85 -14.50 17.24
CA VAL A 87 8.41 -15.24 18.38
C VAL A 87 9.64 -14.53 18.93
N THR A 88 10.53 -14.06 18.02
CA THR A 88 11.71 -13.34 18.48
C THR A 88 11.33 -12.04 19.20
N ALA A 89 10.36 -11.30 18.65
CA ALA A 89 9.92 -10.06 19.27
C ALA A 89 9.36 -10.32 20.67
N LEU A 90 8.52 -11.35 20.79
CA LEU A 90 7.92 -11.66 22.08
C LEU A 90 8.99 -12.07 23.09
N SER A 91 9.92 -12.95 22.67
CA SER A 91 10.94 -13.45 23.58
C SER A 91 11.88 -12.36 24.05
N CYS A 92 12.09 -11.33 23.23
CA CYS A 92 13.00 -10.25 23.58
C CYS A 92 12.31 -9.11 24.33
N GLY A 93 11.01 -9.22 24.60
CA GLY A 93 10.29 -8.15 25.28
C GLY A 93 10.22 -6.86 24.48
N LYS A 94 10.11 -6.96 23.16
CA LYS A 94 10.06 -5.78 22.30
C LYS A 94 8.75 -5.01 22.50
N ASN A 95 8.78 -3.72 22.17
CA ASN A 95 7.59 -2.90 22.08
C ASN A 95 6.88 -3.28 20.79
N ILE A 96 5.84 -4.11 20.89
CA ILE A 96 5.13 -4.61 19.72
C ILE A 96 3.93 -3.72 19.44
N VAL A 97 3.82 -3.26 18.19
CA VAL A 97 2.78 -2.32 17.78
C VAL A 97 2.05 -2.90 16.57
N PRO A 98 0.96 -3.64 16.78
CA PRO A 98 0.22 -4.18 15.63
C PRO A 98 -0.58 -3.09 14.93
N ILE A 99 -0.59 -3.15 13.60
CA ILE A 99 -1.36 -2.25 12.73
C ILE A 99 -2.46 -3.08 12.07
N ILE A 100 -3.70 -2.73 12.35
CA ILE A 100 -4.86 -3.55 11.97
C ILE A 100 -5.41 -3.00 10.66
N ASP A 101 -5.30 -3.78 9.57
CA ASP A 101 -5.78 -3.37 8.24
C ASP A 101 -6.76 -4.42 7.70
N GLY A 102 -8.00 -4.39 8.18
CA GLY A 102 -8.98 -5.39 7.78
C GLY A 102 -8.80 -6.74 8.43
N PHE A 103 -8.00 -6.84 9.49
CA PHE A 103 -7.66 -8.10 10.12
C PHE A 103 -8.81 -8.62 10.98
N GLU A 104 -9.03 -9.93 10.95
CA GLU A 104 -10.02 -10.59 11.78
C GLU A 104 -9.32 -11.25 12.97
N TRP A 105 -9.72 -10.88 14.19
CA TRP A 105 -9.06 -11.39 15.40
C TRP A 105 -9.33 -12.87 15.59
N PRO A 106 -8.31 -13.73 15.59
CA PRO A 106 -8.55 -15.17 15.71
C PRO A 106 -8.62 -15.61 17.17
N GLU A 107 -9.29 -16.73 17.38
CA GLU A 107 -9.26 -17.35 18.70
C GLU A 107 -7.84 -17.80 19.00
N PRO A 108 -7.34 -17.59 20.22
CA PRO A 108 -5.92 -17.88 20.48
C PRO A 108 -5.52 -19.32 20.18
N GLN A 109 -6.43 -20.28 20.32
CA GLN A 109 -6.10 -21.70 20.17
C GLN A 109 -5.77 -22.10 18.74
N VAL A 110 -6.03 -21.26 17.73
CA VAL A 110 -5.63 -21.64 16.37
C VAL A 110 -4.17 -21.37 16.09
N LEU A 111 -3.47 -20.64 16.98
CA LEU A 111 -2.08 -20.24 16.80
C LEU A 111 -1.15 -21.11 17.64
N PRO A 112 0.10 -21.33 17.21
CA PRO A 112 1.03 -22.04 18.08
C PRO A 112 1.21 -21.29 19.40
N GLU A 113 1.39 -22.07 20.47
CA GLU A 113 1.43 -21.50 21.81
C GLU A 113 2.51 -20.44 21.96
N ASP A 114 3.65 -20.61 21.28
CA ASP A 114 4.74 -19.64 21.43
C ASP A 114 4.45 -18.26 20.81
N MET A 115 3.33 -18.05 20.11
CA MET A 115 3.03 -16.71 19.60
C MET A 115 1.62 -16.23 19.97
N GLN A 116 0.89 -16.97 20.82
CA GLN A 116 -0.47 -16.55 21.15
C GLN A 116 -0.49 -15.20 21.86
N ALA A 117 0.60 -14.85 22.54
CA ALA A 117 0.66 -13.59 23.27
C ALA A 117 0.62 -12.36 22.36
N VAL A 118 0.85 -12.51 21.06
CA VAL A 118 0.84 -11.33 20.19
C VAL A 118 -0.55 -10.67 20.19
N LEU A 119 -1.60 -11.45 20.45
CA LEU A 119 -2.97 -10.94 20.49
C LEU A 119 -3.27 -10.08 21.72
N THR A 120 -2.38 -10.03 22.70
CA THR A 120 -2.58 -9.27 23.92
C THR A 120 -2.05 -7.84 23.85
N PHE A 121 -1.45 -7.45 22.72
CA PHE A 121 -0.94 -6.10 22.57
C PHE A 121 -1.99 -5.19 21.92
N ASN A 122 -1.99 -3.92 22.33
CA ASN A 122 -2.96 -2.92 21.86
C ASN A 122 -2.67 -2.54 20.41
N GLY A 123 -3.64 -2.75 19.53
CA GLY A 123 -3.46 -2.53 18.10
C GLY A 123 -4.06 -1.24 17.57
N ILE A 124 -3.44 -0.71 16.51
CA ILE A 124 -3.87 0.54 15.90
C ILE A 124 -4.64 0.26 14.61
N LYS A 125 -5.87 0.76 14.54
CA LYS A 125 -6.70 0.60 13.35
C LYS A 125 -6.21 1.51 12.23
N TRP A 126 -5.91 0.94 11.07
CA TRP A 126 -5.51 1.74 9.92
C TRP A 126 -6.75 2.36 9.27
N SER A 127 -6.77 3.70 9.14
CA SER A 127 -7.89 4.42 8.53
C SER A 127 -7.48 5.05 7.20
N HIS A 128 -8.07 4.57 6.09
CA HIS A 128 -7.78 5.13 4.76
C HIS A 128 -8.18 6.60 4.71
N GLU A 129 -9.31 6.96 5.33
CA GLU A 129 -9.77 8.35 5.29
C GLU A 129 -8.93 9.28 6.17
N TYR A 130 -8.38 8.78 7.28
CA TYR A 130 -7.62 9.62 8.24
C TYR A 130 -6.22 9.03 8.44
N GLN A 131 -5.41 9.08 7.38
CA GLN A 131 -4.09 8.43 7.41
C GLN A 131 -3.08 9.24 8.22
N GLU A 132 -3.11 10.58 8.08
CA GLU A 132 -2.23 11.42 8.89
C GLU A 132 -2.47 11.19 10.38
N ALA A 133 -3.73 11.03 10.79
CA ALA A 133 -4.03 10.79 12.20
C ALA A 133 -3.57 9.41 12.64
N THR A 134 -3.70 8.41 11.75
CA THR A 134 -3.17 7.09 12.05
C THR A 134 -1.68 7.14 12.28
N ILE A 135 -0.96 7.87 11.43
CA ILE A 135 0.50 7.93 11.56
C ILE A 135 0.90 8.62 12.85
N GLU A 136 0.19 9.69 13.23
CA GLU A 136 0.51 10.37 14.49
C GLU A 136 0.35 9.42 15.67
N LYS A 137 -0.71 8.60 15.68
CA LYS A 137 -0.89 7.64 16.75
C LYS A 137 0.23 6.59 16.78
N ILE A 138 0.61 6.07 15.61
CA ILE A 138 1.73 5.13 15.56
C ILE A 138 2.98 5.74 16.17
N ILE A 139 3.27 7.00 15.85
CA ILE A 139 4.46 7.65 16.40
C ILE A 139 4.38 7.71 17.92
N ARG A 140 3.23 8.07 18.47
CA ARG A 140 3.05 8.09 19.92
C ARG A 140 3.31 6.73 20.57
N PHE A 141 2.99 5.64 19.86
CA PHE A 141 3.25 4.31 20.40
C PHE A 141 4.72 3.91 20.33
N LEU A 142 5.52 4.55 19.48
CA LEU A 142 6.92 4.17 19.33
C LEU A 142 7.76 4.69 20.49
N GLN A 143 8.83 3.97 20.79
CA GLN A 143 9.76 4.34 21.86
C GLN A 143 11.08 4.87 21.31
N PRO B 5 -4.42 21.15 -9.08
CA PRO B 5 -3.43 20.08 -8.80
C PRO B 5 -2.78 19.53 -10.07
N ASP B 6 -1.51 19.16 -9.94
CA ASP B 6 -0.71 18.64 -11.05
C ASP B 6 -1.12 17.23 -11.47
N VAL B 7 -1.60 16.43 -10.51
CA VAL B 7 -1.73 14.98 -10.67
C VAL B 7 -3.06 14.55 -10.07
N PHE B 8 -3.86 13.82 -10.84
CA PHE B 8 -5.06 13.14 -10.35
C PHE B 8 -4.77 11.64 -10.26
N ILE B 9 -5.03 11.04 -9.10
CA ILE B 9 -4.77 9.61 -8.89
C ILE B 9 -6.10 8.87 -8.88
N SER B 10 -6.28 7.98 -9.85
CA SER B 10 -7.48 7.16 -9.99
C SER B 10 -7.13 5.72 -9.60
N TYR B 11 -7.98 5.09 -8.80
CA TYR B 11 -7.64 3.78 -8.22
C TYR B 11 -8.91 3.08 -7.78
N ARG B 12 -8.77 1.79 -7.47
CA ARG B 12 -9.87 0.96 -6.98
C ARG B 12 -9.73 0.78 -5.47
N ARG B 13 -10.77 1.15 -4.73
CA ARG B 13 -10.69 1.14 -3.27
C ARG B 13 -10.30 -0.24 -2.73
N ASN B 14 -10.90 -1.30 -3.28
CA ASN B 14 -10.72 -2.60 -2.65
C ASN B 14 -9.39 -3.26 -2.97
N SER B 15 -8.57 -2.70 -3.86
CA SER B 15 -7.30 -3.33 -4.21
C SER B 15 -6.13 -2.39 -4.43
N GLY B 16 -6.36 -1.08 -4.55
CA GLY B 16 -5.28 -0.16 -4.85
C GLY B 16 -5.11 0.96 -3.83
N SER B 17 -5.83 0.87 -2.70
CA SER B 17 -5.87 1.97 -1.73
C SER B 17 -4.48 2.27 -1.19
N GLN B 18 -3.72 1.24 -0.84
CA GLN B 18 -2.41 1.44 -0.23
C GLN B 18 -1.40 1.97 -1.24
N LEU B 19 -1.39 1.39 -2.45
CA LEU B 19 -0.46 1.86 -3.48
C LEU B 19 -0.75 3.30 -3.87
N ALA B 20 -2.05 3.64 -4.02
CA ALA B 20 -2.40 5.01 -4.41
C ALA B 20 -1.93 6.02 -3.36
N SER B 21 -2.07 5.66 -2.08
CA SER B 21 -1.60 6.52 -0.99
C SER B 21 -0.09 6.63 -0.97
N LEU B 22 0.61 5.50 -1.17
CA LEU B 22 2.07 5.53 -1.28
C LEU B 22 2.53 6.43 -2.42
N LEU B 23 1.87 6.35 -3.57
CA LEU B 23 2.18 7.23 -4.70
C LEU B 23 1.95 8.70 -4.35
N LYS B 24 0.88 9.01 -3.60
CA LYS B 24 0.62 10.40 -3.23
C LYS B 24 1.74 10.98 -2.38
N VAL B 25 2.18 10.21 -1.37
CA VAL B 25 3.25 10.68 -0.50
C VAL B 25 4.52 10.96 -1.30
N HIS B 26 4.93 10.02 -2.15
CA HIS B 26 6.15 10.18 -2.93
C HIS B 26 6.07 11.36 -3.88
N LEU B 27 4.92 11.53 -4.56
CA LEU B 27 4.83 12.63 -5.51
C LEU B 27 4.83 13.98 -4.81
N GLN B 28 4.20 14.07 -3.64
CA GLN B 28 4.22 15.31 -2.88
C GLN B 28 5.62 15.64 -2.38
N LEU B 29 6.42 14.60 -2.06
CA LEU B 29 7.79 14.86 -1.63
C LEU B 29 8.66 15.39 -2.75
N HIS B 30 8.30 15.12 -4.00
CA HIS B 30 9.05 15.59 -5.16
C HIS B 30 8.45 16.85 -5.77
N GLY B 31 7.50 17.50 -5.08
CA GLY B 31 7.02 18.81 -5.46
C GLY B 31 5.71 18.87 -6.24
N PHE B 32 5.03 17.74 -6.43
CA PHE B 32 3.79 17.73 -7.20
C PHE B 32 2.59 17.88 -6.29
N SER B 33 1.61 18.66 -6.75
CA SER B 33 0.32 18.72 -6.06
C SER B 33 -0.55 17.58 -6.57
N VAL B 34 -1.15 16.84 -5.64
CA VAL B 34 -1.80 15.58 -5.94
C VAL B 34 -3.24 15.65 -5.47
N PHE B 35 -4.17 15.18 -6.31
CA PHE B 35 -5.55 14.91 -5.92
C PHE B 35 -5.70 13.42 -5.69
N ILE B 36 -6.06 13.03 -4.48
CA ILE B 36 -6.66 11.73 -4.22
C ILE B 36 -7.93 12.02 -3.43
N ASP B 37 -8.99 11.22 -3.68
CA ASP B 37 -10.32 11.57 -3.17
C ASP B 37 -10.33 11.74 -1.65
N VAL B 38 -9.69 10.82 -0.91
CA VAL B 38 -9.80 10.87 0.55
C VAL B 38 -9.09 12.06 1.17
N GLU B 39 -8.30 12.82 0.41
CA GLU B 39 -7.75 14.04 0.98
C GLU B 39 -8.18 15.33 0.29
N LYS B 40 -8.73 15.27 -0.94
CA LYS B 40 -9.02 16.50 -1.66
C LYS B 40 -10.46 16.63 -2.15
N LEU B 41 -11.27 15.58 -2.09
CA LEU B 41 -12.68 15.69 -2.50
C LEU B 41 -13.44 16.29 -1.33
N GLU B 42 -13.88 17.54 -1.47
CA GLU B 42 -14.51 18.20 -0.34
C GLU B 42 -16.03 18.34 -0.54
N ALA B 43 -16.61 19.45 -0.10
CA ALA B 43 -18.07 19.50 -0.01
C ALA B 43 -18.73 19.63 -1.37
N GLY B 44 -19.91 19.05 -1.49
CA GLY B 44 -20.80 19.26 -2.62
C GLY B 44 -21.14 17.96 -3.33
N LYS B 45 -21.74 18.12 -4.52
CA LYS B 45 -22.14 16.98 -5.34
C LYS B 45 -20.90 16.37 -5.97
N PHE B 46 -20.53 15.17 -5.52
CA PHE B 46 -19.21 14.62 -5.89
C PHE B 46 -19.13 14.29 -7.37
N GLU B 47 -20.26 13.99 -8.01
CA GLU B 47 -20.26 13.71 -9.44
C GLU B 47 -19.56 14.84 -10.20
N ASP B 48 -20.00 16.08 -9.97
CA ASP B 48 -19.39 17.23 -10.63
C ASP B 48 -17.96 17.49 -10.14
N LYS B 49 -17.73 17.43 -8.83
CA LYS B 49 -16.42 17.77 -8.30
C LYS B 49 -15.34 16.83 -8.82
N LEU B 50 -15.61 15.52 -8.83
CA LEU B 50 -14.60 14.57 -9.28
C LEU B 50 -14.23 14.81 -10.73
N ILE B 51 -15.23 14.99 -11.60
CA ILE B 51 -14.96 15.20 -13.02
C ILE B 51 -14.20 16.50 -13.24
N GLN B 52 -14.56 17.56 -12.50
CA GLN B 52 -13.81 18.80 -12.64
C GLN B 52 -12.37 18.64 -12.19
N SER B 53 -12.12 17.81 -11.18
CA SER B 53 -10.76 17.59 -10.72
C SER B 53 -9.93 16.83 -11.76
N VAL B 54 -10.55 15.87 -12.46
CA VAL B 54 -9.85 15.20 -13.56
C VAL B 54 -9.54 16.19 -14.69
N MET B 55 -10.51 17.02 -15.04
CA MET B 55 -10.34 18.00 -16.13
C MET B 55 -9.25 19.00 -15.81
N GLY B 56 -9.03 19.28 -14.52
CA GLY B 56 -8.08 20.30 -14.14
C GLY B 56 -6.64 19.83 -14.00
N ALA B 57 -6.40 18.52 -13.95
CA ALA B 57 -5.07 17.99 -13.65
C ALA B 57 -4.33 17.59 -14.92
N ARG B 58 -3.08 18.04 -15.06
CA ARG B 58 -2.33 17.73 -16.28
C ARG B 58 -2.01 16.24 -16.40
N ASN B 59 -1.79 15.56 -15.28
CA ASN B 59 -1.39 14.16 -15.29
C ASN B 59 -2.48 13.31 -14.66
N PHE B 60 -2.72 12.14 -15.25
CA PHE B 60 -3.72 11.17 -14.79
C PHE B 60 -2.96 9.88 -14.45
N VAL B 61 -2.73 9.65 -13.16
CA VAL B 61 -2.04 8.44 -12.71
C VAL B 61 -3.08 7.38 -12.40
N LEU B 62 -3.01 6.25 -13.12
CA LEU B 62 -4.02 5.20 -13.05
C LEU B 62 -3.43 3.96 -12.39
N VAL B 63 -3.95 3.59 -11.22
CA VAL B 63 -3.40 2.48 -10.43
C VAL B 63 -4.03 1.17 -10.91
N LEU B 64 -3.28 0.39 -11.69
CA LEU B 64 -3.78 -0.88 -12.23
C LEU B 64 -3.33 -2.02 -11.32
N SER B 65 -4.09 -2.19 -10.24
CA SER B 65 -3.99 -3.35 -9.35
C SER B 65 -4.73 -4.53 -9.98
N PRO B 66 -4.61 -5.73 -9.41
CA PRO B 66 -5.29 -6.90 -10.00
C PRO B 66 -6.80 -6.67 -10.12
N GLY B 67 -7.32 -6.84 -11.33
CA GLY B 67 -8.75 -6.69 -11.55
C GLY B 67 -9.28 -5.28 -11.51
N ALA B 68 -8.42 -4.27 -11.61
CA ALA B 68 -8.87 -2.88 -11.40
C ALA B 68 -9.90 -2.45 -12.43
N LEU B 69 -9.86 -2.99 -13.65
CA LEU B 69 -10.82 -2.63 -14.68
C LEU B 69 -12.03 -3.57 -14.75
N ASP B 70 -12.14 -4.53 -13.83
CA ASP B 70 -13.23 -5.52 -13.91
C ASP B 70 -14.61 -4.87 -13.80
N LYS B 71 -14.77 -3.88 -12.92
CA LYS B 71 -16.08 -3.24 -12.80
C LYS B 71 -16.39 -2.33 -13.98
N CYS B 72 -15.41 -2.03 -14.83
CA CYS B 72 -15.66 -1.26 -16.03
C CYS B 72 -16.32 -2.10 -17.13
N MET B 73 -16.00 -3.39 -17.17
CA MET B 73 -16.52 -4.27 -18.22
C MET B 73 -18.04 -4.30 -18.19
N GLN B 74 -18.64 -4.06 -19.36
CA GLN B 74 -20.07 -4.05 -19.56
C GLN B 74 -20.78 -2.92 -18.80
N ASP B 75 -20.04 -1.89 -18.40
CA ASP B 75 -20.65 -0.72 -17.77
C ASP B 75 -21.05 0.26 -18.87
N HIS B 76 -22.10 -0.14 -19.60
CA HIS B 76 -22.49 0.59 -20.81
C HIS B 76 -23.05 1.97 -20.49
N ASP B 77 -23.76 2.10 -19.37
CA ASP B 77 -24.29 3.39 -18.91
C ASP B 77 -23.22 4.30 -18.31
N CYS B 78 -21.99 3.81 -18.12
CA CYS B 78 -20.91 4.59 -17.53
C CYS B 78 -21.26 5.05 -16.12
N LYS B 79 -21.65 4.08 -15.27
CA LYS B 79 -21.91 4.36 -13.87
C LYS B 79 -20.74 4.01 -12.95
N ASP B 80 -19.74 3.27 -13.43
CA ASP B 80 -18.58 2.93 -12.61
C ASP B 80 -17.62 4.11 -12.57
N TRP B 81 -17.08 4.40 -11.37
CA TRP B 81 -16.34 5.66 -11.21
C TRP B 81 -14.95 5.62 -11.86
N VAL B 82 -14.26 4.48 -11.86
CA VAL B 82 -12.99 4.42 -12.59
C VAL B 82 -13.23 4.58 -14.09
N HIS B 83 -14.31 3.97 -14.59
CA HIS B 83 -14.70 4.17 -15.98
C HIS B 83 -14.93 5.64 -16.30
N LYS B 84 -15.74 6.33 -15.48
CA LYS B 84 -16.00 7.76 -15.69
C LYS B 84 -14.72 8.56 -15.69
N GLU B 85 -13.82 8.28 -14.73
CA GLU B 85 -12.59 9.03 -14.61
C GLU B 85 -11.69 8.81 -15.83
N ILE B 86 -11.60 7.57 -16.31
CA ILE B 86 -10.74 7.30 -17.47
C ILE B 86 -11.28 7.99 -18.73
N VAL B 87 -12.60 7.92 -18.96
CA VAL B 87 -13.18 8.56 -20.15
C VAL B 87 -12.92 10.07 -20.12
N THR B 88 -13.02 10.68 -18.93
CA THR B 88 -12.74 12.11 -18.80
C THR B 88 -11.30 12.42 -19.14
N ALA B 89 -10.36 11.61 -18.64
CA ALA B 89 -8.94 11.84 -18.95
C ALA B 89 -8.69 11.68 -20.45
N LEU B 90 -9.26 10.64 -21.05
CA LEU B 90 -9.09 10.43 -22.49
C LEU B 90 -9.68 11.57 -23.29
N SER B 91 -10.90 12.01 -22.92
CA SER B 91 -11.57 13.07 -23.68
C SER B 91 -10.78 14.37 -23.63
N CYS B 92 -10.17 14.68 -22.49
CA CYS B 92 -9.40 15.92 -22.33
C CYS B 92 -7.95 15.78 -22.78
N GLY B 93 -7.55 14.63 -23.31
CA GLY B 93 -6.18 14.46 -23.78
C GLY B 93 -5.11 14.58 -22.70
N LYS B 94 -5.38 14.08 -21.50
CA LYS B 94 -4.44 14.21 -20.38
C LYS B 94 -3.24 13.26 -20.55
N ASN B 95 -2.17 13.57 -19.83
CA ASN B 95 -0.99 12.69 -19.78
C ASN B 95 -1.34 11.51 -18.89
N ILE B 96 -1.70 10.39 -19.51
CA ILE B 96 -2.14 9.21 -18.77
C ILE B 96 -0.94 8.31 -18.46
N VAL B 97 -0.78 7.98 -17.19
CA VAL B 97 0.39 7.21 -16.71
C VAL B 97 -0.07 6.01 -15.91
N PRO B 98 -0.26 4.85 -16.55
CA PRO B 98 -0.70 3.66 -15.83
C PRO B 98 0.43 3.05 -14.99
N ILE B 99 0.09 2.66 -13.76
CA ILE B 99 1.02 1.99 -12.84
C ILE B 99 0.58 0.53 -12.71
N ILE B 100 1.44 -0.39 -13.14
CA ILE B 100 1.10 -1.80 -13.26
C ILE B 100 1.51 -2.53 -11.97
N ASP B 101 0.54 -3.08 -11.25
CA ASP B 101 0.81 -3.80 -9.99
C ASP B 101 0.06 -5.13 -9.98
N GLY B 102 0.64 -6.15 -10.62
CA GLY B 102 -0.04 -7.42 -10.76
C GLY B 102 -1.23 -7.42 -11.71
N PHE B 103 -1.34 -6.42 -12.57
CA PHE B 103 -2.48 -6.30 -13.48
C PHE B 103 -2.27 -7.16 -14.73
N GLU B 104 -3.34 -7.84 -15.16
CA GLU B 104 -3.33 -8.67 -16.38
C GLU B 104 -3.94 -7.88 -17.52
N TRP B 105 -3.20 -7.72 -18.59
CA TRP B 105 -3.68 -6.93 -19.72
C TRP B 105 -4.85 -7.64 -20.41
N PRO B 106 -6.05 -7.09 -20.38
CA PRO B 106 -7.19 -7.75 -21.03
C PRO B 106 -7.22 -7.45 -22.52
N GLU B 107 -8.08 -8.15 -23.21
CA GLU B 107 -8.23 -7.76 -24.60
C GLU B 107 -9.17 -6.56 -24.71
N PRO B 108 -8.90 -5.64 -25.65
CA PRO B 108 -9.68 -4.39 -25.70
C PRO B 108 -11.17 -4.60 -25.79
N GLN B 109 -11.62 -5.62 -26.52
CA GLN B 109 -13.05 -5.81 -26.80
C GLN B 109 -13.85 -6.12 -25.55
N VAL B 110 -13.22 -6.55 -24.45
CA VAL B 110 -13.96 -6.74 -23.21
C VAL B 110 -14.30 -5.44 -22.51
N LEU B 111 -13.73 -4.31 -22.96
CA LEU B 111 -13.94 -3.02 -22.35
C LEU B 111 -14.87 -2.15 -23.19
N PRO B 112 -15.63 -1.27 -22.55
CA PRO B 112 -16.46 -0.32 -23.31
C PRO B 112 -15.60 0.46 -24.31
N GLU B 113 -16.18 0.74 -25.48
CA GLU B 113 -15.40 1.33 -26.56
C GLU B 113 -14.85 2.70 -26.19
N ASP B 114 -15.51 3.40 -25.27
CA ASP B 114 -15.06 4.75 -24.95
C ASP B 114 -13.86 4.77 -24.01
N MET B 115 -13.40 3.61 -23.52
CA MET B 115 -12.20 3.58 -22.71
C MET B 115 -11.15 2.58 -23.20
N GLN B 116 -11.35 1.96 -24.36
CA GLN B 116 -10.37 0.99 -24.85
C GLN B 116 -9.01 1.63 -25.11
N ALA B 117 -8.99 2.91 -25.49
CA ALA B 117 -7.74 3.61 -25.74
C ALA B 117 -6.83 3.64 -24.52
N VAL B 118 -7.35 3.36 -23.32
CA VAL B 118 -6.47 3.42 -22.14
C VAL B 118 -5.37 2.39 -22.27
N LEU B 119 -5.62 1.30 -22.99
CA LEU B 119 -4.64 0.22 -23.13
C LEU B 119 -3.47 0.59 -24.05
N THR B 120 -3.54 1.72 -24.75
CA THR B 120 -2.49 2.10 -25.68
C THR B 120 -1.44 3.01 -25.06
N PHE B 121 -1.53 3.29 -23.75
CA PHE B 121 -0.55 4.14 -23.09
C PHE B 121 0.53 3.27 -22.43
N ASN B 122 1.77 3.77 -22.47
CA ASN B 122 2.90 3.06 -21.87
C ASN B 122 2.77 3.03 -20.35
N GLY B 123 2.76 1.82 -19.76
CA GLY B 123 2.65 1.67 -18.32
C GLY B 123 3.98 1.39 -17.63
N ILE B 124 4.03 1.71 -16.34
CA ILE B 124 5.23 1.56 -15.51
C ILE B 124 5.02 0.41 -14.54
N LYS B 125 5.90 -0.60 -14.61
CA LYS B 125 5.85 -1.75 -13.71
C LYS B 125 6.22 -1.36 -12.29
N TRP B 126 5.34 -1.63 -11.32
CA TRP B 126 5.65 -1.36 -9.93
C TRP B 126 6.52 -2.50 -9.36
N SER B 127 7.68 -2.15 -8.80
CA SER B 127 8.62 -3.15 -8.29
C SER B 127 8.77 -2.98 -6.79
N HIS B 128 8.33 -4.00 -6.03
CA HIS B 128 8.47 -3.93 -4.58
C HIS B 128 9.93 -3.84 -4.15
N GLU B 129 10.84 -4.45 -4.92
CA GLU B 129 12.25 -4.48 -4.56
C GLU B 129 12.99 -3.20 -4.94
N TYR B 130 12.52 -2.46 -5.94
CA TYR B 130 13.21 -1.27 -6.45
C TYR B 130 12.23 -0.10 -6.50
N GLN B 131 11.68 0.27 -5.32
CA GLN B 131 10.64 1.30 -5.27
C GLN B 131 11.18 2.68 -5.60
N GLU B 132 12.36 3.03 -5.06
CA GLU B 132 12.92 4.33 -5.38
C GLU B 132 13.11 4.51 -6.89
N ALA B 133 13.54 3.45 -7.57
CA ALA B 133 13.73 3.50 -9.02
C ALA B 133 12.39 3.55 -9.75
N THR B 134 11.38 2.85 -9.23
CA THR B 134 10.04 2.96 -9.81
C THR B 134 9.54 4.40 -9.71
N ILE B 135 9.67 5.01 -8.53
CA ILE B 135 9.22 6.39 -8.33
C ILE B 135 9.96 7.34 -9.26
N GLU B 136 11.28 7.18 -9.39
CA GLU B 136 12.05 8.08 -10.23
C GLU B 136 11.60 8.01 -11.68
N LYS B 137 11.21 6.81 -12.14
CA LYS B 137 10.68 6.68 -13.50
C LYS B 137 9.30 7.35 -13.64
N ILE B 138 8.45 7.25 -12.61
CA ILE B 138 7.16 7.93 -12.67
C ILE B 138 7.36 9.43 -12.81
N ILE B 139 8.34 9.99 -12.09
CA ILE B 139 8.59 11.43 -12.16
C ILE B 139 9.02 11.82 -13.58
N ARG B 140 9.82 10.97 -14.22
CA ARG B 140 10.22 11.23 -15.61
C ARG B 140 9.02 11.25 -16.55
N PHE B 141 7.97 10.46 -16.27
CA PHE B 141 6.78 10.41 -17.12
C PHE B 141 5.88 11.62 -16.93
N LEU B 142 5.91 12.26 -15.75
CA LEU B 142 5.00 13.37 -15.45
C LEU B 142 5.43 14.64 -16.16
N GLN B 143 4.45 15.50 -16.44
CA GLN B 143 4.70 16.79 -17.10
C GLN B 143 4.58 17.98 -16.14
#